data_6NJX
#
_entry.id   6NJX
#
_cell.length_a   65.189
_cell.length_b   65.189
_cell.length_c   63.799
_cell.angle_alpha   90.000
_cell.angle_beta   90.000
_cell.angle_gamma   90.000
#
_symmetry.space_group_name_H-M   'P 43'
#
loop_
_entity.id
_entity.type
_entity.pdbx_description
1 polymer Xcc_ctr_Hg
2 non-polymer 'MERCURY (II) ION'
3 non-polymer 'IODIDE ION'
4 water water
#
_entity_poly.entity_id   1
_entity_poly.type   'polypeptide(L)'
_entity_poly.pdbx_seq_one_letter_code
;RDEEDLQRYIDVTRGEIFFSRGVILVEGDAERFIVPAFAEVLNIPLDMLGITVCSVGGTNFTPYVKLLGPEGLNIPHVIL
TDRDPTNGNHPLVRRRLINVLDVIEGGVDHEELDADEVIKLAEQYGYFVNENTLEPELFAGGLAEDMQEVIREELPRLRR
ETLNALQQWVDDPAQIDEDLLLRLIERIGKGRFAQALAPSVSEDVCPAYIRSALEHIRDAIALEHHHHHH
;
_entity_poly.pdbx_strand_id   A
#
loop_
_chem_comp.id
_chem_comp.type
_chem_comp.name
_chem_comp.formula
HG non-polymer 'MERCURY (II) ION' 'Hg 2'
IOD non-polymer 'IODIDE ION' 'I -1'
#
# COMPACT_ATOMS: atom_id res chain seq x y z
N ILE A 17 10.64 -8.30 9.62
CA ILE A 17 11.59 -9.44 9.77
C ILE A 17 11.20 -10.26 11.00
N PHE A 18 11.94 -10.39 11.99
CA PHE A 18 11.92 -11.15 13.23
C PHE A 18 12.46 -10.42 14.44
N PHE A 19 13.30 -9.39 14.29
CA PHE A 19 13.67 -8.53 15.42
C PHE A 19 12.85 -7.22 15.42
N SER A 20 11.73 -7.22 14.72
CA SER A 20 10.87 -6.05 14.60
C SER A 20 9.93 -5.92 15.80
N ARG A 21 9.65 -4.66 16.17
CA ARG A 21 8.52 -4.38 17.04
C ARG A 21 7.18 -4.36 16.29
N GLY A 22 7.19 -4.21 14.97
CA GLY A 22 5.95 -4.16 14.21
C GLY A 22 6.21 -4.39 12.75
N VAL A 23 5.15 -4.77 12.02
CA VAL A 23 5.28 -5.09 10.60
C VAL A 23 4.14 -4.45 9.82
N ILE A 24 4.47 -3.82 8.71
CA ILE A 24 3.49 -3.32 7.76
C ILE A 24 3.48 -4.28 6.58
N LEU A 25 2.39 -5.03 6.42
CA LEU A 25 2.27 -6.01 5.35
C LEU A 25 1.65 -5.37 4.10
N VAL A 26 2.30 -5.61 2.98
CA VAL A 26 2.10 -4.87 1.74
C VAL A 26 2.11 -5.88 0.57
N GLU A 27 1.45 -5.54 -0.55
CA GLU A 27 1.28 -6.50 -1.64
C GLU A 27 2.52 -6.63 -2.52
N GLY A 28 3.17 -5.50 -2.83
CA GLY A 28 4.32 -5.57 -3.72
C GLY A 28 5.37 -4.50 -3.52
N ASP A 29 6.29 -4.41 -4.49
CA ASP A 29 7.47 -3.55 -4.38
C ASP A 29 7.14 -2.06 -4.38
N ALA A 30 6.06 -1.65 -5.05
CA ALA A 30 5.73 -0.23 -5.13
C ALA A 30 5.37 0.32 -3.74
N GLU A 31 4.53 -0.41 -3.00
CA GLU A 31 4.18 -0.02 -1.64
C GLU A 31 5.37 -0.17 -0.71
N ARG A 32 6.26 -1.11 -0.99
CA ARG A 32 7.41 -1.32 -0.11
C ARG A 32 8.29 -0.09 0.00
N PHE A 33 8.35 0.72 -1.06
CA PHE A 33 9.17 1.92 -1.08
C PHE A 33 8.36 3.20 -0.96
N ILE A 34 7.09 3.17 -1.34
CA ILE A 34 6.26 4.36 -1.21
C ILE A 34 5.77 4.55 0.23
N VAL A 35 5.42 3.46 0.92
CA VAL A 35 4.90 3.59 2.28
C VAL A 35 5.92 4.22 3.22
N PRO A 36 7.21 3.81 3.23
CA PRO A 36 8.15 4.50 4.12
C PRO A 36 8.35 5.95 3.76
N ALA A 37 8.25 6.28 2.47
CA ALA A 37 8.38 7.67 2.04
C ALA A 37 7.24 8.51 2.58
N PHE A 38 6.01 8.00 2.56
CA PHE A 38 4.90 8.72 3.20
C PHE A 38 5.05 8.76 4.71
N ALA A 39 5.62 7.70 5.31
CA ALA A 39 5.78 7.72 6.77
C ALA A 39 6.70 8.86 7.19
N GLU A 40 7.79 9.10 6.44
CA GLU A 40 8.75 10.16 6.76
C GLU A 40 8.08 11.54 6.72
N VAL A 41 7.28 11.81 5.69
CA VAL A 41 6.61 13.12 5.62
C VAL A 41 5.42 13.21 6.57
N LEU A 42 4.94 12.09 7.13
CA LEU A 42 3.98 12.14 8.23
C LEU A 42 4.68 12.19 9.60
N ASN A 43 6.02 12.22 9.61
CA ASN A 43 6.81 12.27 10.85
C ASN A 43 6.62 11.03 11.71
N ILE A 44 6.29 9.91 11.06
CA ILE A 44 6.20 8.61 11.70
C ILE A 44 7.49 7.86 11.37
N PRO A 45 8.42 7.66 12.33
CA PRO A 45 9.76 7.18 11.97
C PRO A 45 9.89 5.66 12.05
N LEU A 46 9.64 4.99 10.93
CA LEU A 46 9.46 3.53 10.95
C LEU A 46 10.73 2.82 11.44
N ASP A 47 11.91 3.23 10.94
CA ASP A 47 13.16 2.59 11.32
C ASP A 47 13.44 2.75 12.82
N MET A 48 13.31 3.98 13.33
CA MET A 48 13.52 4.25 14.75
C MET A 48 12.52 3.51 15.61
N LEU A 49 11.27 3.41 15.15
CA LEU A 49 10.27 2.65 15.89
C LEU A 49 10.48 1.14 15.81
N GLY A 50 11.39 0.68 14.96
CA GLY A 50 11.54 -0.76 14.78
C GLY A 50 10.45 -1.40 13.94
N ILE A 51 9.89 -0.66 12.99
CA ILE A 51 8.80 -1.16 12.13
C ILE A 51 9.39 -1.41 10.76
N THR A 52 9.17 -2.62 10.24
CA THR A 52 9.62 -2.99 8.91
C THR A 52 8.42 -3.15 7.97
N VAL A 53 8.63 -2.80 6.70
CA VAL A 53 7.65 -2.96 5.64
C VAL A 53 8.00 -4.23 4.87
N CYS A 54 7.06 -5.16 4.80
CA CYS A 54 7.29 -6.48 4.24
CA CYS A 54 7.29 -6.48 4.24
C CYS A 54 6.31 -6.76 3.11
N SER A 55 6.83 -7.03 1.92
CA SER A 55 6.00 -7.39 0.77
C SER A 55 5.66 -8.89 0.82
N VAL A 56 4.36 -9.22 0.72
CA VAL A 56 3.96 -10.62 0.63
C VAL A 56 3.99 -11.12 -0.82
N GLY A 57 4.37 -10.27 -1.77
CA GLY A 57 4.52 -10.65 -3.18
C GLY A 57 3.25 -11.20 -3.81
N GLY A 58 2.17 -10.50 -3.64
CA GLY A 58 0.89 -10.95 -4.12
C GLY A 58 -0.19 -10.53 -3.14
N THR A 59 -1.26 -11.32 -3.08
CA THR A 59 -2.42 -10.98 -2.27
C THR A 59 -2.69 -12.00 -1.16
N ASN A 60 -1.80 -12.95 -0.92
CA ASN A 60 -2.07 -13.92 0.12
C ASN A 60 -1.40 -13.46 1.40
N PHE A 61 -2.16 -12.81 2.28
CA PHE A 61 -1.63 -12.33 3.55
C PHE A 61 -1.69 -13.39 4.65
N THR A 62 -2.36 -14.52 4.42
CA THR A 62 -2.64 -15.44 5.52
C THR A 62 -1.40 -16.04 6.17
N PRO A 63 -0.36 -16.50 5.46
CA PRO A 63 0.82 -17.03 6.17
C PRO A 63 1.45 -16.04 7.11
N TYR A 64 1.45 -14.75 6.74
CA TYR A 64 2.11 -13.72 7.53
C TYR A 64 1.30 -13.34 8.76
N VAL A 65 -0.01 -13.28 8.63
CA VAL A 65 -0.87 -13.08 9.78
C VAL A 65 -0.72 -14.25 10.76
N LYS A 66 -0.54 -15.47 10.23
CA LYS A 66 -0.30 -16.62 11.11
C LYS A 66 1.03 -16.47 11.85
N LEU A 67 2.06 -16.00 11.15
CA LEU A 67 3.35 -15.77 11.79
C LEU A 67 3.26 -14.68 12.86
N LEU A 68 2.56 -13.58 12.56
CA LEU A 68 2.53 -12.43 13.47
C LEU A 68 1.37 -12.45 14.44
N GLY A 69 0.41 -13.37 14.30
CA GLY A 69 -0.77 -13.40 15.14
C GLY A 69 -0.62 -14.01 16.53
N PRO A 70 -1.75 -14.15 17.21
CA PRO A 70 -1.72 -14.61 18.63
C PRO A 70 -1.15 -16.01 18.82
N GLU A 71 -1.28 -16.88 17.83
CA GLU A 71 -0.73 -18.24 17.89
C GLU A 71 0.67 -18.32 17.30
N GLY A 72 1.19 -17.21 16.79
CA GLY A 72 2.53 -17.16 16.24
C GLY A 72 3.40 -16.31 17.13
N LEU A 73 4.03 -15.27 16.59
CA LEU A 73 4.91 -14.41 17.36
C LEU A 73 4.19 -13.30 18.11
N ASN A 74 2.93 -12.99 17.78
CA ASN A 74 2.17 -11.94 18.46
C ASN A 74 2.86 -10.57 18.35
N ILE A 75 3.12 -10.18 17.11
CA ILE A 75 3.79 -8.92 16.77
C ILE A 75 2.74 -7.98 16.18
N PRO A 76 2.60 -6.75 16.70
CA PRO A 76 1.70 -5.78 16.06
C PRO A 76 1.95 -5.66 14.56
N HIS A 77 0.87 -5.71 13.76
CA HIS A 77 1.02 -5.65 12.32
C HIS A 77 -0.21 -5.00 11.69
N VAL A 78 -0.03 -4.48 10.46
CA VAL A 78 -1.13 -3.93 9.69
C VAL A 78 -1.05 -4.49 8.27
N ILE A 79 -2.14 -4.34 7.53
CA ILE A 79 -2.23 -4.81 6.15
C ILE A 79 -2.74 -3.67 5.27
N LEU A 80 -2.10 -3.48 4.12
CA LEU A 80 -2.53 -2.59 3.04
C LEU A 80 -2.80 -3.46 1.81
N THR A 81 -4.03 -3.42 1.31
CA THR A 81 -4.38 -4.26 0.17
C THR A 81 -5.45 -3.55 -0.65
N ASP A 82 -5.60 -4.00 -1.90
CA ASP A 82 -6.46 -3.34 -2.89
C ASP A 82 -7.80 -4.03 -2.99
N ARG A 83 -8.87 -3.25 -3.19
CA ARG A 83 -10.21 -3.84 -3.22
C ARG A 83 -10.37 -4.79 -4.41
N ASP A 84 -9.90 -4.37 -5.59
CA ASP A 84 -10.05 -5.10 -6.86
C ASP A 84 -11.53 -5.21 -7.30
N PRO A 91 -14.23 -9.33 -3.34
CA PRO A 91 -13.95 -8.67 -4.63
C PRO A 91 -12.50 -8.61 -5.15
N LEU A 92 -11.59 -9.60 -4.97
CA LEU A 92 -11.73 -10.82 -4.17
C LEU A 92 -11.27 -10.48 -2.74
N VAL A 93 -11.39 -9.20 -2.37
CA VAL A 93 -10.90 -8.77 -1.07
C VAL A 93 -11.72 -9.41 0.05
N ARG A 94 -12.99 -9.74 -0.20
CA ARG A 94 -13.82 -10.35 0.83
C ARG A 94 -13.22 -11.66 1.34
N ARG A 95 -12.83 -12.54 0.41
CA ARG A 95 -12.28 -13.82 0.81
C ARG A 95 -10.89 -13.65 1.41
N ARG A 96 -10.12 -12.73 0.82
CA ARG A 96 -8.78 -12.41 1.31
C ARG A 96 -8.81 -11.99 2.77
N LEU A 97 -9.78 -11.14 3.15
CA LEU A 97 -9.88 -10.67 4.52
C LEU A 97 -10.52 -11.70 5.44
N ILE A 98 -11.47 -12.50 4.92
CA ILE A 98 -12.01 -13.59 5.74
C ILE A 98 -10.91 -14.56 6.12
N ASN A 99 -9.98 -14.81 5.21
CA ASN A 99 -8.88 -15.71 5.50
C ASN A 99 -7.99 -15.17 6.62
N VAL A 100 -7.76 -13.84 6.67
CA VAL A 100 -6.95 -13.36 7.80
C VAL A 100 -7.81 -13.16 9.06
N LEU A 101 -9.09 -12.82 8.92
CA LEU A 101 -9.93 -12.67 10.10
C LEU A 101 -10.13 -14.02 10.82
N ASP A 102 -10.22 -15.11 10.06
CA ASP A 102 -10.26 -16.44 10.66
C ASP A 102 -9.05 -16.73 11.53
N VAL A 103 -7.89 -16.17 11.19
CA VAL A 103 -6.69 -16.33 12.04
C VAL A 103 -6.75 -15.38 13.23
N ILE A 104 -6.90 -14.07 12.97
CA ILE A 104 -6.66 -13.12 14.06
C ILE A 104 -7.87 -12.96 14.96
N GLU A 105 -9.03 -13.50 14.57
CA GLU A 105 -10.23 -13.53 15.39
C GLU A 105 -10.75 -14.98 15.32
N GLY A 106 -9.96 -15.92 15.85
CA GLY A 106 -10.23 -17.32 15.67
C GLY A 106 -11.46 -17.79 16.44
N GLY A 107 -12.08 -18.86 15.94
CA GLY A 107 -13.30 -19.38 16.50
C GLY A 107 -14.58 -18.73 16.02
N VAL A 108 -14.50 -17.51 15.50
CA VAL A 108 -15.68 -16.76 15.08
C VAL A 108 -15.95 -17.04 13.61
N ASP A 109 -17.23 -17.10 13.25
CA ASP A 109 -17.66 -17.25 11.86
C ASP A 109 -17.79 -15.88 11.19
N HIS A 110 -17.33 -15.79 9.94
CA HIS A 110 -17.44 -14.58 9.14
C HIS A 110 -18.08 -14.81 7.78
N GLU A 111 -18.51 -16.04 7.48
CA GLU A 111 -19.11 -16.33 6.18
C GLU A 111 -20.43 -15.59 5.97
N GLU A 112 -21.11 -15.21 7.05
CA GLU A 112 -22.38 -14.52 6.98
C GLU A 112 -22.26 -13.07 6.50
N LEU A 113 -21.07 -12.47 6.55
CA LEU A 113 -20.91 -11.05 6.30
C LEU A 113 -20.68 -10.77 4.82
N ASP A 114 -21.19 -9.63 4.36
CA ASP A 114 -20.92 -9.22 2.99
C ASP A 114 -19.60 -8.44 2.95
N ALA A 115 -19.22 -8.01 1.74
CA ALA A 115 -17.89 -7.41 1.54
C ALA A 115 -17.68 -6.19 2.44
N ASP A 116 -18.67 -5.30 2.52
CA ASP A 116 -18.49 -4.08 3.29
C ASP A 116 -18.38 -4.36 4.78
N GLU A 117 -19.16 -5.32 5.29
CA GLU A 117 -19.05 -5.67 6.71
C GLU A 117 -17.69 -6.32 7.02
N VAL A 118 -17.19 -7.19 6.14
CA VAL A 118 -15.86 -7.76 6.32
C VAL A 118 -14.79 -6.66 6.31
N ILE A 119 -14.95 -5.67 5.42
CA ILE A 119 -13.97 -4.59 5.33
C ILE A 119 -13.99 -3.72 6.58
N LYS A 120 -15.19 -3.33 7.06
CA LYS A 120 -15.21 -2.47 8.24
C LYS A 120 -14.86 -3.24 9.52
N LEU A 121 -15.16 -4.55 9.58
CA LEU A 121 -14.64 -5.36 10.68
C LEU A 121 -13.11 -5.40 10.66
N ALA A 122 -12.53 -5.58 9.46
CA ALA A 122 -11.09 -5.75 9.33
C ALA A 122 -10.29 -4.52 9.79
N GLU A 123 -10.85 -3.31 9.64
CA GLU A 123 -10.15 -2.09 10.06
C GLU A 123 -9.82 -2.10 11.54
N GLN A 124 -10.65 -2.79 12.34
CA GLN A 124 -10.38 -2.93 13.77
C GLN A 124 -9.05 -3.60 14.06
N TYR A 125 -8.61 -4.49 13.17
CA TYR A 125 -7.35 -5.19 13.35
C TYR A 125 -6.22 -4.54 12.58
N GLY A 126 -6.43 -3.34 12.02
CA GLY A 126 -5.38 -2.68 11.27
C GLY A 126 -5.24 -3.13 9.83
N TYR A 127 -6.28 -3.71 9.25
CA TYR A 127 -6.23 -4.19 7.86
C TYR A 127 -7.06 -3.25 7.01
N PHE A 128 -6.42 -2.56 6.07
CA PHE A 128 -7.05 -1.47 5.35
C PHE A 128 -7.06 -1.74 3.86
N VAL A 129 -8.18 -1.37 3.24
CA VAL A 129 -8.45 -1.63 1.84
C VAL A 129 -8.45 -0.30 1.08
N ASN A 130 -7.75 -0.28 -0.03
CA ASN A 130 -7.71 0.85 -0.95
C ASN A 130 -8.70 0.58 -2.09
N GLU A 131 -9.54 1.58 -2.38
CA GLU A 131 -10.53 1.44 -3.45
C GLU A 131 -9.98 1.77 -4.84
N ASN A 132 -8.76 2.30 -4.94
CA ASN A 132 -8.20 2.72 -6.23
C ASN A 132 -6.70 2.41 -6.23
N THR A 133 -6.27 1.48 -7.10
CA THR A 133 -4.87 1.04 -7.22
C THR A 133 -3.86 2.19 -7.09
N LEU A 134 -2.68 1.90 -6.56
CA LEU A 134 -1.83 2.94 -5.96
C LEU A 134 -1.34 3.95 -6.98
N GLU A 135 -0.68 3.50 -8.05
CA GLU A 135 -0.09 4.46 -8.99
C GLU A 135 -1.13 5.34 -9.69
N PRO A 136 -2.27 4.84 -10.18
CA PRO A 136 -3.28 5.76 -10.73
C PRO A 136 -3.82 6.74 -9.70
N GLU A 137 -4.01 6.32 -8.45
CA GLU A 137 -4.44 7.27 -7.43
C GLU A 137 -3.42 8.39 -7.26
N LEU A 138 -2.13 8.06 -7.18
CA LEU A 138 -1.12 9.11 -7.04
C LEU A 138 -1.06 10.01 -8.26
N PHE A 139 -1.18 9.43 -9.47
CA PHE A 139 -1.19 10.24 -10.68
C PHE A 139 -2.32 11.26 -10.64
N ALA A 140 -3.54 10.80 -10.34
CA ALA A 140 -4.67 11.72 -10.22
C ALA A 140 -4.54 12.59 -8.99
N GLY A 141 -4.16 11.99 -7.85
CA GLY A 141 -4.14 12.69 -6.59
C GLY A 141 -2.92 13.56 -6.30
N GLY A 142 -2.39 14.27 -7.32
CA GLY A 142 -1.45 15.35 -7.09
C GLY A 142 -0.01 15.09 -7.50
N LEU A 143 0.36 13.87 -7.88
CA LEU A 143 1.74 13.58 -8.29
C LEU A 143 1.90 13.41 -9.81
N ALA A 144 0.89 13.78 -10.61
CA ALA A 144 0.91 13.64 -12.06
C ALA A 144 2.22 14.11 -12.71
N GLU A 145 2.64 15.34 -12.45
CA GLU A 145 3.82 15.88 -13.13
C GLU A 145 5.12 15.23 -12.65
N ASP A 146 5.18 14.80 -11.38
CA ASP A 146 6.36 14.07 -10.92
C ASP A 146 6.44 12.67 -11.54
N MET A 147 5.29 12.01 -11.70
CA MET A 147 5.31 10.69 -12.32
C MET A 147 5.64 10.76 -13.81
N GLN A 148 5.16 11.82 -14.49
CA GLN A 148 5.57 12.00 -15.88
C GLN A 148 7.07 12.22 -15.97
N GLU A 149 7.65 12.98 -15.04
CA GLU A 149 9.09 13.21 -15.12
C GLU A 149 9.89 11.93 -14.90
N VAL A 150 9.46 11.08 -13.96
CA VAL A 150 10.17 9.80 -13.77
C VAL A 150 10.03 8.92 -15.01
N ILE A 151 8.81 8.80 -15.57
CA ILE A 151 8.59 7.90 -16.70
C ILE A 151 9.56 8.24 -17.84
N ARG A 152 9.70 9.53 -18.15
CA ARG A 152 10.53 9.95 -19.27
C ARG A 152 12.03 9.89 -18.99
N GLU A 153 12.43 10.04 -17.73
CA GLU A 153 13.81 9.74 -17.35
C GLU A 153 14.12 8.26 -17.56
N GLU A 154 13.22 7.37 -17.11
CA GLU A 154 13.43 5.93 -17.18
C GLU A 154 13.15 5.36 -18.57
N LEU A 155 12.23 5.97 -19.32
CA LEU A 155 11.87 5.53 -20.67
C LEU A 155 12.17 6.67 -21.63
N PRO A 156 13.46 6.92 -21.92
CA PRO A 156 13.83 8.15 -22.65
C PRO A 156 13.55 8.13 -24.15
N ARG A 157 13.13 7.00 -24.72
CA ARG A 157 12.82 6.96 -26.14
C ARG A 157 11.34 6.62 -26.40
N LEU A 158 10.45 7.05 -25.51
CA LEU A 158 9.01 6.91 -25.74
C LEU A 158 8.62 7.48 -27.11
N ARG A 159 7.80 6.72 -27.83
CA ARG A 159 7.25 7.21 -29.09
C ARG A 159 6.42 8.47 -28.83
N ARG A 160 6.26 9.26 -29.90
CA ARG A 160 5.59 10.55 -29.82
C ARG A 160 4.15 10.40 -29.34
N GLU A 161 3.44 9.39 -29.84
CA GLU A 161 2.03 9.19 -29.46
C GLU A 161 1.89 8.92 -27.98
N THR A 162 2.84 8.17 -27.39
CA THR A 162 2.75 7.87 -25.97
C THR A 162 3.12 9.10 -25.14
N LEU A 163 4.14 9.85 -25.57
CA LEU A 163 4.45 11.11 -24.91
C LEU A 163 3.27 12.07 -24.93
N ASN A 164 2.53 12.11 -26.04
CA ASN A 164 1.37 13.01 -26.11
C ASN A 164 0.24 12.51 -25.21
N ALA A 165 0.02 11.18 -25.17
CA ALA A 165 -0.97 10.66 -24.24
C ALA A 165 -0.59 11.00 -22.80
N LEU A 166 0.69 10.83 -22.45
CA LEU A 166 1.13 11.13 -21.10
C LEU A 166 0.94 12.61 -20.76
N GLN A 167 1.24 13.50 -21.72
CA GLN A 167 0.98 14.92 -21.51
C GLN A 167 -0.51 15.19 -21.36
N GLN A 168 -1.35 14.42 -22.06
CA GLN A 168 -2.80 14.57 -21.92
C GLN A 168 -3.29 14.14 -20.54
N TRP A 169 -2.70 13.09 -19.95
CA TRP A 169 -3.11 12.70 -18.61
C TRP A 169 -2.66 13.72 -17.57
N VAL A 170 -1.50 14.35 -17.78
CA VAL A 170 -1.07 15.39 -16.86
C VAL A 170 -2.02 16.57 -16.91
N ASP A 171 -2.32 17.06 -18.13
CA ASP A 171 -3.21 18.20 -18.28
C ASP A 171 -4.59 17.93 -17.70
N ASP A 172 -5.03 16.67 -17.64
CA ASP A 172 -6.38 16.34 -17.20
C ASP A 172 -6.37 14.97 -16.51
N PRO A 173 -5.91 14.92 -15.24
CA PRO A 173 -5.70 13.63 -14.58
C PRO A 173 -6.96 12.81 -14.30
N ALA A 174 -8.08 13.14 -14.94
CA ALA A 174 -9.27 12.32 -14.86
C ALA A 174 -9.49 11.48 -16.11
N GLN A 175 -8.72 11.72 -17.17
CA GLN A 175 -8.79 10.95 -18.40
C GLN A 175 -7.55 10.09 -18.61
N ILE A 176 -7.03 9.52 -17.52
CA ILE A 176 -5.86 8.66 -17.63
C ILE A 176 -6.22 7.36 -18.32
N ASP A 177 -5.38 6.93 -19.25
CA ASP A 177 -5.39 5.55 -19.75
C ASP A 177 -4.63 4.70 -18.72
N GLU A 178 -5.39 4.04 -17.85
CA GLU A 178 -4.78 3.27 -16.77
C GLU A 178 -3.98 2.08 -17.29
N ASP A 179 -4.47 1.41 -18.33
CA ASP A 179 -3.73 0.28 -18.91
C ASP A 179 -2.32 0.71 -19.29
N LEU A 180 -2.20 1.80 -20.07
CA LEU A 180 -0.90 2.22 -20.54
C LEU A 180 -0.02 2.73 -19.40
N LEU A 181 -0.61 3.47 -18.44
CA LEU A 181 0.18 3.97 -17.31
C LEU A 181 0.82 2.82 -16.56
N LEU A 182 0.02 1.80 -16.21
CA LEU A 182 0.57 0.69 -15.46
C LEU A 182 1.55 -0.12 -16.31
N ARG A 183 1.32 -0.19 -17.63
CA ARG A 183 2.24 -0.85 -18.55
C ARG A 183 3.61 -0.17 -18.56
N LEU A 184 3.63 1.16 -18.66
CA LEU A 184 4.88 1.90 -18.56
C LEU A 184 5.59 1.67 -17.22
N ILE A 185 4.83 1.71 -16.12
CA ILE A 185 5.44 1.57 -14.80
C ILE A 185 6.01 0.16 -14.61
N GLU A 186 5.26 -0.87 -15.04
CA GLU A 186 5.78 -2.23 -14.99
C GLU A 186 7.00 -2.43 -15.90
N ARG A 187 7.06 -1.76 -17.05
CA ARG A 187 8.26 -1.86 -17.88
C ARG A 187 9.48 -1.26 -17.17
N ILE A 188 9.30 -0.13 -16.49
CA ILE A 188 10.38 0.44 -15.68
C ILE A 188 10.76 -0.49 -14.54
N GLY A 189 9.77 -1.21 -13.98
CA GLY A 189 9.93 -1.94 -12.74
C GLY A 189 9.14 -1.25 -11.63
N LYS A 190 8.17 -1.94 -11.02
CA LYS A 190 7.33 -1.28 -10.03
C LYS A 190 8.15 -0.74 -8.87
N GLY A 191 9.16 -1.50 -8.41
CA GLY A 191 9.98 -1.03 -7.31
C GLY A 191 10.90 0.12 -7.70
N ARG A 192 11.56 0.00 -8.86
CA ARG A 192 12.41 1.08 -9.37
C ARG A 192 11.61 2.37 -9.53
N PHE A 193 10.40 2.26 -10.09
CA PHE A 193 9.55 3.43 -10.24
C PHE A 193 9.24 4.07 -8.89
N ALA A 194 8.78 3.27 -7.92
CA ALA A 194 8.42 3.79 -6.60
C ALA A 194 9.62 4.46 -5.91
N GLN A 195 10.81 3.87 -6.03
CA GLN A 195 11.99 4.49 -5.44
C GLN A 195 12.30 5.84 -6.07
N ALA A 196 12.18 5.94 -7.40
CA ALA A 196 12.40 7.23 -8.07
C ALA A 196 11.30 8.23 -7.75
N LEU A 197 10.08 7.77 -7.46
CA LEU A 197 9.00 8.70 -7.13
C LEU A 197 9.04 9.13 -5.66
N ALA A 198 9.55 8.27 -4.78
CA ALA A 198 9.48 8.51 -3.33
C ALA A 198 9.95 9.90 -2.90
N PRO A 199 11.07 10.45 -3.41
CA PRO A 199 11.44 11.83 -3.04
C PRO A 199 10.38 12.91 -3.30
N SER A 200 9.39 12.64 -4.15
CA SER A 200 8.40 13.67 -4.48
C SER A 200 7.16 13.64 -3.59
N VAL A 201 6.91 12.57 -2.84
CA VAL A 201 5.67 12.52 -2.07
C VAL A 201 5.71 13.57 -0.97
N SER A 202 4.52 14.04 -0.60
CA SER A 202 4.37 15.03 0.45
C SER A 202 3.17 14.62 1.28
N GLU A 203 3.05 15.23 2.46
CA GLU A 203 1.99 14.86 3.39
C GLU A 203 0.62 14.94 2.74
N ASP A 204 0.38 15.96 1.92
CA ASP A 204 -0.97 16.27 1.45
C ASP A 204 -1.45 15.39 0.31
N VAL A 205 -0.58 14.58 -0.32
CA VAL A 205 -0.99 13.61 -1.33
C VAL A 205 -0.96 12.17 -0.79
N CYS A 206 -0.95 11.98 0.53
CA CYS A 206 -0.91 10.63 1.07
C CYS A 206 -2.29 9.98 0.97
N PRO A 207 -2.43 8.83 0.29
CA PRO A 207 -3.72 8.11 0.30
C PRO A 207 -4.18 7.82 1.71
N ALA A 208 -5.50 7.89 1.91
CA ALA A 208 -6.08 7.69 3.23
C ALA A 208 -5.75 6.31 3.81
N TYR A 209 -5.76 5.26 2.97
CA TYR A 209 -5.57 3.95 3.57
C TYR A 209 -4.13 3.77 4.07
N ILE A 210 -3.16 4.42 3.44
CA ILE A 210 -1.78 4.39 3.91
C ILE A 210 -1.64 5.16 5.21
N ARG A 211 -2.25 6.35 5.30
CA ARG A 211 -2.21 7.11 6.55
C ARG A 211 -2.87 6.33 7.68
N SER A 212 -4.01 5.68 7.40
CA SER A 212 -4.70 4.90 8.41
C SER A 212 -3.83 3.75 8.94
N ALA A 213 -3.13 3.05 8.04
CA ALA A 213 -2.31 1.94 8.49
C ALA A 213 -1.09 2.43 9.26
N LEU A 214 -0.44 3.49 8.77
CA LEU A 214 0.73 4.03 9.46
C LEU A 214 0.36 4.50 10.86
N GLU A 215 -0.77 5.20 11.00
CA GLU A 215 -1.21 5.65 12.31
C GLU A 215 -1.59 4.47 13.20
N HIS A 216 -2.18 3.42 12.63
CA HIS A 216 -2.59 2.27 13.44
C HIS A 216 -1.40 1.57 14.06
N ILE A 217 -0.34 1.29 13.26
CA ILE A 217 0.82 0.58 13.77
C ILE A 217 1.63 1.48 14.71
N ARG A 218 1.74 2.78 14.38
CA ARG A 218 2.35 3.75 15.29
C ARG A 218 1.66 3.73 16.65
N ASP A 219 0.32 3.82 16.65
CA ASP A 219 -0.43 3.83 17.90
C ASP A 219 -0.16 2.56 18.70
N ALA A 220 -0.14 1.41 18.03
CA ALA A 220 0.06 0.14 18.72
C ALA A 220 1.44 0.07 19.38
N ILE A 221 2.48 0.52 18.66
CA ILE A 221 3.82 0.51 19.23
C ILE A 221 3.94 1.53 20.38
N ALA A 222 3.45 2.75 20.14
CA ALA A 222 3.52 3.78 21.18
C ALA A 222 2.75 3.40 22.43
N LEU A 223 1.63 2.68 22.28
CA LEU A 223 0.84 2.27 23.44
C LEU A 223 1.61 1.28 24.32
N GLU A 224 2.41 0.41 23.72
CA GLU A 224 3.23 -0.50 24.50
C GLU A 224 4.26 0.25 25.34
N HIS A 225 4.77 1.38 24.83
CA HIS A 225 5.62 2.25 25.62
C HIS A 225 4.85 2.90 26.76
N HIS A 226 3.62 3.35 26.48
CA HIS A 226 2.74 3.98 27.47
C HIS A 226 2.46 3.03 28.64
HG HG B . 8.88 -9.14 7.46
HG HG C . 7.07 -10.79 8.30
HG HG D . 10.83 -7.63 5.07
I IOD E . 8.99 3.87 -23.63
I IOD F . 4.42 1.60 -24.80
I IOD G . -17.97 -3.90 12.84
#